data_2F5N
#
_entry.id   2F5N
#
_cell.length_a   45.379
_cell.length_b   92.947
_cell.length_c   105.195
_cell.angle_alpha   90.00
_cell.angle_beta   90.00
_cell.angle_gamma   90.00
#
_symmetry.space_group_name_H-M   'P 21 21 21'
#
loop_
_entity.id
_entity.type
_entity.pdbx_description
1 polymer "5'-D(*AP*GP*GP*TP*AP*GP*AP*CP*CP*TP*GP*GP*AP*CP*GP*C)-3'"
2 polymer "5'-D(*TP*GP*C*GP*TP*CP*CP*AP*GP*GP*TP*CP*TP*AP*CP*C)-3'"
3 polymer 'formamidopyrimidine-DNA glycosidase'
4 non-polymer 'ZINC ION'
5 non-polymer GLYCEROL
6 water water
#
loop_
_entity_poly.entity_id
_entity_poly.type
_entity_poly.pdbx_seq_one_letter_code
_entity_poly.pdbx_strand_id
1 'polydeoxyribonucleotide' (DA)(DG)(DG)(DT)(DA)(DG)(DA)(DC)(DC)(DT)(DG)(DG)(DA)(DC)(DG)(DC) B
2 'polydeoxyribonucleotide' (DT)(DG)(DC)(DG)(DT)(DC)(DC)(DA)(DG)(DG)(DT)(DC)(DT)(DA)(DC)(DC) C
3 'polypeptide(L)'
;MPELPEVETIRRTLLPLIVGKTIEDVRIFWPNIIRHPRDSEAFAARMIGQTVRGLERRGKFLKFLLDRDALISHLRMEGR
YAVASALEPLEPHTHVVFCFTDGSELRYRDVRKFGTMHVYAKEEADRRPPLAELGPEPLSPAFSPAVLAERAVKTKRSVK
ALLLDCTVVAGFGNIYVDESLFRAGILPGRPAASLSSKEIERLHEEMVATIGEAVMKGGSTVRTYVNTQGEAGTFQHHLY
VYGRQGNPCKRCGTPIEKTVVAGRGTHYCPRCQR
;
A
#
# COMPACT_ATOMS: atom_id res chain seq x y z
N PRO C 2 -3.56 0.39 6.21
CA PRO C 2 -2.84 1.67 6.07
C PRO C 2 -2.66 1.94 4.56
N GLU C 3 -2.75 3.21 4.14
CA GLU C 3 -2.62 3.60 2.77
C GLU C 3 -1.22 4.15 2.52
N LEU C 4 -0.88 4.33 1.25
CA LEU C 4 0.45 4.77 0.93
C LEU C 4 1.11 5.81 1.84
N PRO C 5 0.43 6.92 2.13
CA PRO C 5 1.05 7.92 2.99
C PRO C 5 1.31 7.38 4.37
N GLU C 6 0.37 6.60 4.91
CA GLU C 6 0.61 6.00 6.25
C GLU C 6 1.82 5.03 6.22
N VAL C 7 1.94 4.23 5.14
CA VAL C 7 3.06 3.27 5.01
C VAL C 7 4.33 4.06 4.93
N GLU C 8 4.28 5.18 4.24
CA GLU C 8 5.48 5.99 4.19
C GLU C 8 5.94 6.53 5.58
N THR C 9 4.96 6.86 6.44
CA THR C 9 5.23 7.40 7.81
C THR C 9 5.77 6.26 8.70
N ILE C 10 5.19 5.07 8.55
CA ILE C 10 5.67 3.89 9.23
C ILE C 10 7.11 3.62 8.82
N ARG C 11 7.38 3.70 7.54
CA ARG C 11 8.73 3.46 7.09
C ARG C 11 9.71 4.44 7.72
N ARG C 12 9.35 5.73 7.72
CA ARG C 12 10.23 6.75 8.29
C ARG C 12 10.43 6.61 9.80
N THR C 13 9.38 6.24 10.51
CA THR C 13 9.49 6.24 11.95
C THR C 13 9.95 4.91 12.53
N LEU C 14 9.74 3.83 11.80
CA LEU C 14 10.13 2.52 12.28
C LEU C 14 11.63 2.32 12.10
N LEU C 15 12.22 2.78 10.98
CA LEU C 15 13.66 2.52 10.69
C LEU C 15 14.63 2.78 11.85
N PRO C 16 14.59 4.00 12.44
CA PRO C 16 15.53 4.28 13.56
C PRO C 16 15.31 3.40 14.76
N LEU C 17 14.10 2.86 14.92
CA LEU C 17 13.80 1.97 16.02
C LEU C 17 14.33 0.55 15.79
N ILE C 18 14.76 0.20 14.59
CA ILE C 18 15.26 -1.17 14.41
C ILE C 18 16.60 -1.23 13.70
N VAL C 19 17.04 -0.16 13.12
CA VAL C 19 18.29 -0.24 12.39
C VAL C 19 19.45 -0.69 13.30
N GLY C 20 20.28 -1.58 12.79
CA GLY C 20 21.41 -2.08 13.56
C GLY C 20 21.10 -3.21 14.55
N LYS C 21 19.82 -3.55 14.72
CA LYS C 21 19.49 -4.68 15.63
C LYS C 21 19.68 -6.01 14.92
N THR C 22 20.05 -7.05 15.67
CA THR C 22 20.30 -8.39 15.08
C THR C 22 19.23 -9.36 15.57
N ILE C 23 18.65 -10.10 14.65
CA ILE C 23 17.58 -11.09 14.94
C ILE C 23 18.13 -12.31 15.60
N GLU C 24 17.51 -12.63 16.74
CA GLU C 24 17.94 -13.77 17.53
C GLU C 24 16.90 -14.86 17.42
N ASP C 25 15.67 -14.50 17.10
CA ASP C 25 14.62 -15.53 16.98
C ASP C 25 13.47 -14.92 16.20
N VAL C 26 12.67 -15.75 15.57
CA VAL C 26 11.46 -15.22 14.86
C VAL C 26 10.35 -16.14 15.31
N ARG C 27 9.29 -15.63 15.90
CA ARG C 27 8.22 -16.51 16.40
C ARG C 27 6.97 -16.20 15.56
N ILE C 28 6.32 -17.24 15.07
CA ILE C 28 5.17 -17.05 14.17
C ILE C 28 3.97 -17.71 14.84
N PHE C 29 2.89 -16.96 15.00
CA PHE C 29 1.73 -17.52 15.63
C PHE C 29 0.59 -17.74 14.60
N TRP C 30 0.70 -17.18 13.39
CA TRP C 30 -0.31 -17.45 12.36
C TRP C 30 0.53 -17.65 11.15
N PRO C 31 0.90 -18.92 10.86
CA PRO C 31 1.75 -19.21 9.71
C PRO C 31 1.28 -18.73 8.33
N ASN C 32 -0.03 -18.64 8.12
CA ASN C 32 -0.54 -18.20 6.80
C ASN C 32 -0.04 -16.83 6.32
N ILE C 33 0.37 -15.96 7.25
CA ILE C 33 0.91 -14.62 6.92
C ILE C 33 2.19 -14.82 6.09
N ILE C 34 2.91 -15.86 6.40
CA ILE C 34 4.20 -16.11 5.69
C ILE C 34 3.96 -16.70 4.29
N ARG C 35 4.28 -15.98 3.21
CA ARG C 35 4.04 -16.55 1.89
C ARG C 35 5.33 -17.08 1.25
N HIS C 36 6.47 -16.54 1.60
CA HIS C 36 7.72 -17.15 1.06
C HIS C 36 8.89 -16.97 2.01
N PRO C 37 9.65 -18.03 2.35
CA PRO C 37 9.48 -19.42 1.90
C PRO C 37 8.10 -19.94 2.35
N ARG C 38 7.61 -20.99 1.70
CA ARG C 38 6.28 -21.55 1.99
C ARG C 38 6.24 -22.12 3.43
N ASP C 39 7.34 -22.73 3.84
CA ASP C 39 7.44 -23.28 5.19
C ASP C 39 7.79 -22.16 6.18
N SER C 40 6.89 -21.90 7.11
CA SER C 40 7.16 -20.82 8.04
C SER C 40 8.40 -21.12 8.90
N GLU C 41 8.77 -22.38 9.11
CA GLU C 41 9.99 -22.70 9.86
C GLU C 41 11.27 -22.29 9.08
N ALA C 42 11.23 -22.38 7.73
CA ALA C 42 12.38 -21.98 6.91
C ALA C 42 12.49 -20.44 6.98
N PHE C 43 11.34 -19.78 6.87
CA PHE C 43 11.27 -18.29 6.97
C PHE C 43 11.91 -17.85 8.32
N ALA C 44 11.51 -18.50 9.41
CA ALA C 44 12.10 -18.13 10.69
C ALA C 44 13.62 -18.44 10.77
N ALA C 45 14.03 -19.62 10.36
CA ALA C 45 15.46 -19.99 10.50
C ALA C 45 16.39 -19.11 9.65
N ARG C 46 15.94 -18.72 8.45
CA ARG C 46 16.88 -17.95 7.62
C ARG C 46 17.14 -16.54 8.13
N MET C 47 16.19 -16.00 8.88
CA MET C 47 16.40 -14.60 9.31
C MET C 47 17.27 -14.49 10.58
N ILE C 48 17.32 -15.56 11.34
CA ILE C 48 18.14 -15.50 12.58
C ILE C 48 19.60 -15.19 12.24
N GLY C 49 20.17 -14.26 12.96
CA GLY C 49 21.58 -13.93 12.76
C GLY C 49 21.78 -12.74 11.87
N GLN C 50 20.75 -12.32 11.16
CA GLN C 50 20.88 -11.16 10.32
C GLN C 50 20.58 -9.85 11.05
N THR C 51 21.28 -8.80 10.64
CA THR C 51 21.07 -7.48 11.18
C THR C 51 20.25 -6.63 10.24
N VAL C 52 19.32 -5.86 10.82
CA VAL C 52 18.48 -4.90 10.00
C VAL C 52 19.35 -3.69 9.52
N ARG C 53 19.46 -3.52 8.22
CA ARG C 53 20.28 -2.44 7.64
C ARG C 53 19.47 -1.30 7.05
N GLY C 54 18.23 -1.52 6.65
CA GLY C 54 17.45 -0.39 6.15
C GLY C 54 15.96 -0.73 6.03
N LEU C 55 15.16 0.23 5.57
CA LEU C 55 13.72 0.00 5.44
C LEU C 55 13.26 0.94 4.33
N GLU C 56 12.77 0.36 3.26
CA GLU C 56 12.33 1.09 2.11
C GLU C 56 10.83 0.81 1.91
N ARG C 57 10.23 1.52 0.96
CA ARG C 57 8.85 1.32 0.66
C ARG C 57 8.67 1.25 -0.85
N ARG C 58 7.83 0.35 -1.35
CA ARG C 58 7.48 0.34 -2.79
C ARG C 58 5.93 0.27 -2.77
N GLY C 59 5.21 1.32 -3.21
CA GLY C 59 3.76 1.24 -3.17
C GLY C 59 3.40 1.15 -1.69
N LYS C 60 2.53 0.22 -1.31
CA LYS C 60 2.16 0.03 0.11
C LYS C 60 3.00 -1.12 0.78
N PHE C 61 4.00 -1.61 0.06
CA PHE C 61 4.89 -2.70 0.56
C PHE C 61 6.07 -2.09 1.31
N LEU C 62 6.41 -2.61 2.52
CA LEU C 62 7.61 -2.16 3.23
C LEU C 62 8.65 -3.22 2.87
N LYS C 63 9.86 -2.79 2.61
CA LYS C 63 10.92 -3.69 2.29
C LYS C 63 12.01 -3.57 3.37
N PHE C 64 12.05 -4.53 4.30
CA PHE C 64 13.08 -4.51 5.36
C PHE C 64 14.40 -5.04 4.73
N LEU C 65 15.46 -4.28 4.83
CA LEU C 65 16.71 -4.75 4.24
C LEU C 65 17.61 -5.37 5.36
N LEU C 66 17.95 -6.63 5.23
CA LEU C 66 18.78 -7.25 6.28
C LEU C 66 20.20 -7.48 5.68
N ASP C 67 20.97 -8.43 6.14
CA ASP C 67 22.37 -8.57 5.67
C ASP C 67 22.35 -9.21 4.33
N ARG C 68 21.65 -10.31 4.27
CA ARG C 68 21.57 -11.01 3.05
C ARG C 68 20.16 -10.92 2.38
N ASP C 69 19.12 -10.94 3.24
CA ASP C 69 17.75 -10.97 2.76
C ASP C 69 16.97 -9.67 2.83
N ALA C 70 15.87 -9.62 2.06
CA ALA C 70 14.90 -8.54 2.16
C ALA C 70 13.61 -9.24 2.68
N LEU C 71 12.92 -8.58 3.60
CA LEU C 71 11.63 -9.07 4.08
C LEU C 71 10.64 -8.01 3.47
N ILE C 72 9.68 -8.52 2.70
CA ILE C 72 8.68 -7.67 1.99
C ILE C 72 7.38 -7.89 2.71
N SER C 73 6.80 -6.81 3.23
CA SER C 73 5.62 -6.98 4.08
C SER C 73 4.48 -6.07 3.59
N HIS C 74 3.26 -6.61 3.52
CA HIS C 74 2.11 -5.78 3.16
C HIS C 74 1.16 -5.90 4.37
N LEU C 75 0.74 -4.75 4.89
CA LEU C 75 -0.10 -4.69 6.09
C LEU C 75 -1.61 -4.72 5.76
N ARG C 76 -1.94 -4.58 4.47
CA ARG C 76 -3.34 -4.54 4.04
C ARG C 76 -4.02 -3.50 4.89
N MET C 77 -5.26 -3.75 5.24
CA MET C 77 -6.06 -2.77 5.99
C MET C 77 -5.71 -2.53 7.46
N GLU C 78 -5.50 -3.61 8.20
CA GLU C 78 -5.29 -3.44 9.62
C GLU C 78 -3.88 -3.82 10.20
N GLY C 79 -2.98 -4.33 9.38
CA GLY C 79 -1.66 -4.72 9.91
C GLY C 79 -0.95 -3.57 10.60
N ARG C 80 -0.14 -3.87 11.62
CA ARG C 80 0.60 -2.79 12.30
C ARG C 80 1.89 -3.37 12.90
N TYR C 81 2.92 -2.54 12.99
CA TYR C 81 4.20 -2.88 13.55
C TYR C 81 4.43 -2.10 14.78
N ALA C 82 5.05 -2.69 15.78
CA ALA C 82 5.45 -1.86 16.98
C ALA C 82 6.77 -2.47 17.50
N VAL C 83 7.61 -1.66 18.10
CA VAL C 83 8.87 -2.17 18.68
C VAL C 83 8.64 -2.10 20.22
N ALA C 84 8.90 -3.17 20.98
CA ALA C 84 8.69 -3.13 22.44
C ALA C 84 9.56 -4.17 23.06
N SER C 85 9.52 -4.18 24.39
CA SER C 85 10.29 -5.09 25.18
C SER C 85 9.80 -6.56 25.19
N ALA C 86 10.76 -7.48 25.13
CA ALA C 86 10.42 -8.91 25.18
C ALA C 86 9.95 -9.23 26.64
N LEU C 87 10.15 -8.31 27.59
CA LEU C 87 9.70 -8.57 28.98
C LEU C 87 8.23 -8.33 29.23
N GLU C 88 7.57 -7.67 28.32
CA GLU C 88 6.16 -7.33 28.50
C GLU C 88 5.18 -8.28 27.79
N PRO C 89 3.97 -8.43 28.34
CA PRO C 89 2.99 -9.32 27.71
C PRO C 89 2.64 -8.83 26.30
N LEU C 90 2.38 -9.74 25.40
CA LEU C 90 2.03 -9.38 24.02
C LEU C 90 0.59 -8.82 23.89
N GLU C 91 0.37 -7.87 23.00
CA GLU C 91 -0.98 -7.32 22.76
C GLU C 91 -1.73 -8.39 21.90
N PRO C 92 -3.09 -8.32 21.85
CA PRO C 92 -3.92 -9.27 21.07
C PRO C 92 -3.63 -9.16 19.60
N HIS C 93 -3.85 -10.26 18.91
CA HIS C 93 -3.69 -10.34 17.44
C HIS C 93 -2.19 -10.15 16.97
N THR C 94 -1.25 -10.56 17.80
CA THR C 94 0.19 -10.45 17.39
C THR C 94 0.48 -11.77 16.71
N HIS C 95 0.71 -11.76 15.40
CA HIS C 95 0.94 -12.99 14.68
C HIS C 95 2.39 -13.38 14.35
N VAL C 96 3.29 -12.40 14.35
CA VAL C 96 4.73 -12.66 14.00
C VAL C 96 5.54 -11.72 14.93
N VAL C 97 6.60 -12.26 15.55
CA VAL C 97 7.44 -11.40 16.38
C VAL C 97 8.91 -11.61 16.00
N PHE C 98 9.65 -10.54 15.75
CA PHE C 98 11.06 -10.76 15.43
C PHE C 98 11.78 -10.34 16.74
N CYS C 99 12.47 -11.27 17.36
CA CYS C 99 13.20 -10.96 18.63
C CYS C 99 14.63 -10.56 18.31
N PHE C 100 15.00 -9.42 18.81
CA PHE C 100 16.41 -8.97 18.62
C PHE C 100 17.27 -9.30 19.82
N THR C 101 18.59 -9.30 19.60
CA THR C 101 19.53 -9.66 20.67
C THR C 101 19.58 -8.69 21.88
N ASP C 102 19.04 -7.49 21.69
CA ASP C 102 19.00 -6.45 22.73
C ASP C 102 17.78 -6.54 23.63
N GLY C 103 17.00 -7.61 23.47
CA GLY C 103 15.84 -7.79 24.36
C GLY C 103 14.58 -7.06 23.86
N SER C 104 14.73 -6.35 22.73
CA SER C 104 13.53 -5.69 22.11
C SER C 104 13.00 -6.63 21.01
N GLU C 105 11.85 -6.27 20.47
CA GLU C 105 11.16 -7.12 19.53
C GLU C 105 10.42 -6.22 18.54
N LEU C 106 10.29 -6.69 17.29
CA LEU C 106 9.50 -5.94 16.31
C LEU C 106 8.23 -6.85 16.28
N ARG C 107 7.05 -6.32 16.63
CA ARG C 107 5.85 -7.19 16.68
C ARG C 107 4.92 -6.83 15.55
N TYR C 108 4.39 -7.82 14.85
CA TYR C 108 3.46 -7.53 13.77
C TYR C 108 2.04 -7.93 14.32
N ARG C 109 1.07 -7.02 14.31
CA ARG C 109 -0.35 -7.29 14.79
C ARG C 109 -1.25 -7.05 13.59
N ASP C 110 -2.31 -7.86 13.47
CA ASP C 110 -3.21 -7.71 12.34
C ASP C 110 -4.53 -8.41 12.80
N VAL C 111 -5.54 -7.66 13.14
CA VAL C 111 -6.76 -8.38 13.56
C VAL C 111 -7.38 -9.26 12.42
N ARG C 112 -7.27 -8.83 11.17
CA ARG C 112 -7.86 -9.51 10.01
C ARG C 112 -7.00 -10.61 9.45
N LYS C 113 -5.70 -10.56 9.81
CA LYS C 113 -4.78 -11.54 9.29
C LYS C 113 -4.72 -11.61 7.77
N PHE C 114 -4.82 -10.47 7.10
CA PHE C 114 -4.72 -10.42 5.65
C PHE C 114 -3.30 -10.04 5.22
N GLY C 115 -2.47 -9.58 6.14
CA GLY C 115 -1.12 -9.13 5.75
C GLY C 115 -0.29 -10.28 5.22
N THR C 116 0.80 -9.96 4.52
CA THR C 116 1.64 -10.99 3.94
C THR C 116 3.12 -10.62 4.18
N MET C 117 3.95 -11.66 4.25
CA MET C 117 5.39 -11.54 4.36
C MET C 117 6.07 -12.50 3.38
N HIS C 118 7.07 -11.98 2.64
CA HIS C 118 7.84 -12.78 1.71
C HIS C 118 9.32 -12.49 2.01
N VAL C 119 10.15 -13.52 2.12
CA VAL C 119 11.56 -13.23 2.35
C VAL C 119 12.37 -13.81 1.17
N TYR C 120 13.34 -13.05 0.64
CA TYR C 120 14.17 -13.54 -0.47
C TYR C 120 15.50 -12.88 -0.31
N ALA C 121 16.47 -13.46 -0.97
CA ALA C 121 17.81 -12.89 -1.04
C ALA C 121 17.50 -11.52 -1.63
N LYS C 122 18.13 -10.48 -1.13
CA LYS C 122 17.89 -9.12 -1.56
C LYS C 122 17.86 -8.85 -3.06
N GLU C 123 18.86 -9.35 -3.74
CA GLU C 123 18.95 -9.13 -5.21
C GLU C 123 17.85 -9.82 -5.98
N GLU C 124 17.07 -10.69 -5.32
CA GLU C 124 15.98 -11.40 -5.99
C GLU C 124 14.63 -10.69 -5.69
N ALA C 125 14.54 -9.93 -4.59
CA ALA C 125 13.20 -9.43 -4.26
C ALA C 125 12.48 -8.63 -5.32
N ASP C 126 13.17 -7.74 -6.02
CA ASP C 126 12.47 -6.92 -6.98
C ASP C 126 12.02 -7.72 -8.18
N ARG C 127 12.49 -8.98 -8.35
CA ARG C 127 12.07 -9.78 -9.50
C ARG C 127 11.16 -10.90 -9.14
N ARG C 128 10.63 -10.94 -7.92
CA ARG C 128 9.75 -12.04 -7.48
C ARG C 128 8.48 -11.40 -6.90
N PRO C 129 7.48 -12.23 -6.55
CA PRO C 129 6.22 -11.73 -5.97
C PRO C 129 6.62 -11.28 -4.57
N PRO C 130 5.96 -10.26 -4.04
CA PRO C 130 4.87 -9.50 -4.65
C PRO C 130 5.40 -8.25 -5.33
N LEU C 131 6.70 -8.03 -5.36
CA LEU C 131 7.16 -6.76 -5.99
C LEU C 131 7.31 -6.80 -7.53
N ALA C 132 7.44 -7.99 -8.07
CA ALA C 132 7.77 -8.09 -9.47
C ALA C 132 6.92 -7.28 -10.50
N GLU C 133 5.61 -7.35 -10.47
CA GLU C 133 4.93 -6.58 -11.56
C GLU C 133 4.53 -5.16 -11.15
N LEU C 134 5.09 -4.69 -10.05
CA LEU C 134 4.70 -3.38 -9.50
C LEU C 134 4.91 -2.20 -10.40
N GLY C 135 3.86 -1.37 -10.59
CA GLY C 135 4.04 -0.20 -11.43
C GLY C 135 4.83 0.84 -10.69
N PRO C 136 5.08 1.97 -11.33
CA PRO C 136 5.84 3.14 -10.82
C PRO C 136 5.21 3.84 -9.62
N GLU C 137 6.07 4.44 -8.81
CA GLU C 137 5.64 5.22 -7.65
C GLU C 137 4.72 6.40 -8.22
N PRO C 138 3.56 6.66 -7.61
CA PRO C 138 2.72 7.76 -8.15
C PRO C 138 3.38 9.12 -8.04
N LEU C 139 4.29 9.32 -7.07
CA LEU C 139 4.99 10.59 -7.00
C LEU C 139 6.36 10.57 -7.67
N SER C 140 6.57 9.71 -8.66
CA SER C 140 7.86 9.72 -9.36
C SER C 140 7.64 10.18 -10.81
N PRO C 141 8.72 10.60 -11.50
CA PRO C 141 8.56 11.04 -12.89
C PRO C 141 8.22 9.86 -13.73
N ALA C 142 8.50 8.65 -13.25
CA ALA C 142 8.16 7.48 -14.06
C ALA C 142 6.62 7.27 -14.14
N PHE C 143 5.87 7.88 -13.21
CA PHE C 143 4.41 7.73 -13.36
C PHE C 143 4.05 9.02 -14.15
N SER C 144 3.85 8.89 -15.46
CA SER C 144 3.56 10.09 -16.26
C SER C 144 2.20 9.99 -16.95
N PRO C 145 1.67 11.13 -17.43
CA PRO C 145 0.39 11.18 -18.14
C PRO C 145 0.54 10.21 -19.33
N ALA C 146 1.70 10.29 -19.97
CA ALA C 146 1.99 9.38 -21.11
C ALA C 146 1.76 7.92 -20.75
N VAL C 147 2.33 7.53 -19.60
CA VAL C 147 2.25 6.14 -19.15
C VAL C 147 0.81 5.82 -18.83
N LEU C 148 0.14 6.76 -18.16
CA LEU C 148 -1.23 6.50 -17.79
C LEU C 148 -2.07 6.37 -19.07
N ALA C 149 -1.81 7.26 -20.06
CA ALA C 149 -2.61 7.22 -21.34
C ALA C 149 -2.46 5.89 -22.07
N GLU C 150 -1.21 5.40 -22.08
CA GLU C 150 -0.86 4.17 -22.75
C GLU C 150 -1.63 3.02 -22.14
N ARG C 151 -1.72 3.00 -20.81
CA ARG C 151 -2.46 1.91 -20.19
C ARG C 151 -3.99 2.10 -20.41
N ALA C 152 -4.46 3.35 -20.32
CA ALA C 152 -5.92 3.60 -20.47
C ALA C 152 -6.44 3.15 -21.83
N VAL C 153 -5.70 3.54 -22.89
CA VAL C 153 -6.10 3.16 -24.26
C VAL C 153 -5.37 1.87 -24.48
N LYS C 154 -6.03 0.78 -24.09
CA LYS C 154 -5.49 -0.58 -24.23
C LYS C 154 -6.38 -1.49 -23.40
N THR C 155 -7.23 -0.92 -22.55
CA THR C 155 -8.08 -1.78 -21.75
C THR C 155 -9.56 -1.44 -21.96
N LYS C 156 -10.41 -2.42 -21.69
CA LYS C 156 -11.85 -2.31 -21.79
C LYS C 156 -12.38 -1.96 -20.36
N ARG C 157 -11.52 -1.97 -19.35
CA ARG C 157 -11.95 -1.72 -17.98
C ARG C 157 -12.26 -0.26 -17.65
N SER C 158 -12.97 -0.07 -16.56
CA SER C 158 -13.25 1.30 -16.05
C SER C 158 -11.96 2.11 -15.64
N VAL C 159 -12.08 3.45 -15.56
CA VAL C 159 -10.96 4.26 -15.13
C VAL C 159 -10.63 3.87 -13.65
N LYS C 160 -11.65 3.58 -12.86
CA LYS C 160 -11.38 3.18 -11.48
C LYS C 160 -10.58 1.84 -11.40
N ALA C 161 -11.04 0.83 -12.13
CA ALA C 161 -10.35 -0.46 -12.14
C ALA C 161 -8.91 -0.23 -12.58
N LEU C 162 -8.70 0.68 -13.51
CA LEU C 162 -7.38 0.96 -13.94
C LEU C 162 -6.49 1.53 -12.84
N LEU C 163 -6.99 2.53 -12.13
CA LEU C 163 -6.18 3.17 -11.13
C LEU C 163 -5.89 2.25 -9.97
N LEU C 164 -6.80 1.31 -9.76
CA LEU C 164 -6.66 0.33 -8.67
C LEU C 164 -5.62 -0.80 -8.99
N ASP C 165 -5.20 -0.86 -10.24
CA ASP C 165 -4.27 -1.90 -10.70
C ASP C 165 -2.80 -1.57 -10.32
N CYS C 166 -2.24 -2.36 -9.39
CA CYS C 166 -0.86 -2.14 -8.95
C CYS C 166 0.20 -2.19 -10.10
N THR C 167 -0.08 -2.84 -11.23
CA THR C 167 0.89 -2.83 -12.34
C THR C 167 0.80 -1.50 -13.06
N VAL C 168 -0.28 -0.75 -12.83
CA VAL C 168 -0.40 0.56 -13.47
C VAL C 168 0.25 1.63 -12.66
N VAL C 169 -0.04 1.63 -11.34
CA VAL C 169 0.62 2.65 -10.56
C VAL C 169 0.72 2.00 -9.17
N ALA C 170 1.83 2.21 -8.46
CA ALA C 170 1.99 1.46 -7.19
C ALA C 170 1.25 1.92 -5.93
N GLY C 171 0.35 1.10 -5.42
CA GLY C 171 -0.25 1.41 -4.14
C GLY C 171 -1.23 2.58 -4.00
N PHE C 172 -1.92 2.93 -5.12
CA PHE C 172 -2.89 4.04 -5.11
C PHE C 172 -4.22 3.46 -4.59
N GLY C 173 -4.50 3.71 -3.32
CA GLY C 173 -5.70 3.13 -2.76
C GLY C 173 -7.08 3.72 -3.15
N ASN C 174 -8.10 2.96 -2.78
CA ASN C 174 -9.49 3.27 -3.08
C ASN C 174 -9.89 4.70 -2.65
N ILE C 175 -9.51 5.10 -1.47
CA ILE C 175 -9.88 6.43 -1.04
C ILE C 175 -9.21 7.42 -1.98
N TYR C 176 -7.95 7.21 -2.32
CA TYR C 176 -7.31 8.20 -3.18
C TYR C 176 -7.83 8.16 -4.60
N VAL C 177 -8.26 6.98 -5.04
CA VAL C 177 -8.82 6.91 -6.40
C VAL C 177 -10.14 7.73 -6.47
N ASP C 178 -11.04 7.52 -5.52
CA ASP C 178 -12.33 8.27 -5.53
C ASP C 178 -12.10 9.80 -5.36
N GLU C 179 -11.20 10.20 -4.45
CA GLU C 179 -10.91 11.64 -4.26
C GLU C 179 -10.27 12.25 -5.51
N SER C 180 -9.35 11.53 -6.14
CA SER C 180 -8.71 12.07 -7.36
C SER C 180 -9.70 12.17 -8.53
N LEU C 181 -10.58 11.20 -8.67
CA LEU C 181 -11.52 11.22 -9.78
C LEU C 181 -12.50 12.41 -9.55
N PHE C 182 -12.92 12.60 -8.31
CA PHE C 182 -13.81 13.76 -8.01
C PHE C 182 -13.05 15.06 -8.31
N ARG C 183 -11.83 15.20 -7.84
CA ARG C 183 -11.05 16.42 -8.14
C ARG C 183 -10.82 16.61 -9.60
N ALA C 184 -10.80 15.51 -10.36
CA ALA C 184 -10.53 15.66 -11.78
C ALA C 184 -11.83 15.81 -12.55
N GLY C 185 -12.97 15.62 -11.88
CA GLY C 185 -14.22 15.77 -12.62
C GLY C 185 -14.56 14.58 -13.49
N ILE C 186 -14.01 13.42 -13.16
CA ILE C 186 -14.26 12.19 -13.95
C ILE C 186 -15.03 11.11 -13.21
N LEU C 187 -16.11 10.59 -13.81
CA LEU C 187 -16.89 9.54 -13.15
C LEU C 187 -15.99 8.28 -13.12
N PRO C 188 -16.03 7.55 -12.00
CA PRO C 188 -15.26 6.30 -11.74
C PRO C 188 -15.65 5.15 -12.72
N GLY C 189 -16.95 5.07 -13.10
CA GLY C 189 -17.41 4.03 -14.04
C GLY C 189 -17.08 4.33 -15.49
N ARG C 190 -16.48 5.48 -15.79
CA ARG C 190 -16.08 5.81 -17.16
C ARG C 190 -15.02 4.82 -17.70
N PRO C 191 -15.22 4.33 -18.94
CA PRO C 191 -14.27 3.42 -19.56
C PRO C 191 -12.97 4.14 -19.61
N ALA C 192 -11.88 3.49 -19.18
CA ALA C 192 -10.59 4.18 -19.23
C ALA C 192 -10.28 4.63 -20.62
N ALA C 193 -10.59 3.77 -21.59
CA ALA C 193 -10.31 4.15 -22.98
C ALA C 193 -11.17 5.37 -23.44
N SER C 194 -12.26 5.71 -22.73
CA SER C 194 -13.08 6.86 -23.17
C SER C 194 -12.50 8.22 -22.75
N LEU C 195 -11.47 8.24 -21.88
CA LEU C 195 -10.86 9.50 -21.44
C LEU C 195 -10.10 10.19 -22.54
N SER C 196 -10.21 11.51 -22.61
CA SER C 196 -9.50 12.30 -23.63
C SER C 196 -8.11 12.56 -23.08
N SER C 197 -7.28 13.22 -23.88
CA SER C 197 -5.92 13.54 -23.46
C SER C 197 -6.02 14.51 -22.32
N LYS C 198 -6.90 15.48 -22.48
CA LYS C 198 -7.05 16.49 -21.48
C LYS C 198 -7.53 15.87 -20.16
N GLU C 199 -8.43 14.89 -20.24
CA GLU C 199 -8.92 14.25 -19.04
C GLU C 199 -7.72 13.52 -18.38
N ILE C 200 -6.97 12.74 -19.17
CA ILE C 200 -5.79 11.98 -18.66
C ILE C 200 -4.84 12.90 -17.94
N GLU C 201 -4.43 13.97 -18.61
CA GLU C 201 -3.56 14.92 -17.98
C GLU C 201 -4.08 15.48 -16.66
N ARG C 202 -5.38 15.74 -16.63
CA ARG C 202 -6.00 16.31 -15.47
C ARG C 202 -6.07 15.24 -14.34
N LEU C 203 -6.41 13.99 -14.68
CA LEU C 203 -6.48 12.88 -13.73
C LEU C 203 -5.04 12.68 -13.12
N HIS C 204 -4.06 12.62 -13.99
CA HIS C 204 -2.70 12.49 -13.54
C HIS C 204 -2.34 13.58 -12.56
N GLU C 205 -2.66 14.85 -12.87
CA GLU C 205 -2.34 15.97 -11.97
C GLU C 205 -3.08 15.89 -10.62
N GLU C 206 -4.34 15.49 -10.61
CA GLU C 206 -5.02 15.35 -9.32
C GLU C 206 -4.50 14.14 -8.49
N MET C 207 -4.19 13.05 -9.16
CA MET C 207 -3.63 11.91 -8.46
C MET C 207 -2.38 12.32 -7.67
N VAL C 208 -1.48 13.06 -8.32
CA VAL C 208 -0.24 13.49 -7.71
C VAL C 208 -0.50 14.49 -6.56
N ALA C 209 -1.40 15.43 -6.80
CA ALA C 209 -1.64 16.41 -5.76
C ALA C 209 -2.33 15.74 -4.60
N THR C 210 -3.28 14.86 -4.93
CA THR C 210 -4.00 14.19 -3.87
C THR C 210 -3.10 13.32 -2.98
N ILE C 211 -2.31 12.47 -3.59
CA ILE C 211 -1.55 11.64 -2.73
C ILE C 211 -0.31 12.42 -2.20
N GLY C 212 0.17 13.36 -3.00
CA GLY C 212 1.28 14.20 -2.57
C GLY C 212 0.93 15.00 -1.32
N GLU C 213 -0.26 15.59 -1.29
CA GLU C 213 -0.71 16.37 -0.13
C GLU C 213 -0.81 15.49 1.10
N ALA C 214 -1.29 14.25 0.92
CA ALA C 214 -1.43 13.39 2.07
C ALA C 214 -0.08 12.84 2.55
N VAL C 215 0.89 12.65 1.65
CA VAL C 215 2.20 12.15 2.09
C VAL C 215 2.88 13.18 2.98
N MET C 216 2.62 14.47 2.75
CA MET C 216 3.20 15.53 3.54
C MET C 216 2.50 15.81 4.86
N HIS C 238 -11.78 17.07 5.38
CA HIS C 238 -10.75 17.09 4.32
C HIS C 238 -11.11 16.15 3.12
N LEU C 239 -12.00 15.18 3.33
CA LEU C 239 -12.34 14.33 2.20
C LEU C 239 -13.56 14.91 1.42
N TYR C 240 -13.53 14.81 0.10
CA TYR C 240 -14.66 15.29 -0.73
C TYR C 240 -15.83 14.30 -0.89
N VAL C 241 -15.48 13.06 -1.15
CA VAL C 241 -16.50 12.04 -1.43
C VAL C 241 -16.39 10.71 -0.66
N TYR C 242 -15.16 10.22 -0.48
CA TYR C 242 -14.94 8.93 0.19
C TYR C 242 -15.60 8.90 1.57
N GLY C 243 -16.46 7.90 1.73
CA GLY C 243 -17.24 7.73 2.94
C GLY C 243 -18.28 8.83 3.22
N ARG C 244 -18.56 9.73 2.27
CA ARG C 244 -19.52 10.83 2.56
C ARG C 244 -20.90 10.64 1.94
N GLN C 245 -21.22 9.42 1.52
CA GLN C 245 -22.50 9.19 0.83
C GLN C 245 -23.71 9.70 1.63
N GLY C 246 -24.65 10.30 0.90
CA GLY C 246 -25.83 10.85 1.53
C GLY C 246 -25.52 12.24 2.09
N ASN C 247 -24.24 12.60 2.11
CA ASN C 247 -23.89 13.92 2.58
C ASN C 247 -23.77 14.87 1.39
N PRO C 248 -23.90 16.15 1.63
CA PRO C 248 -23.79 17.07 0.50
C PRO C 248 -22.32 17.16 0.05
N CYS C 249 -22.17 17.30 -1.26
CA CYS C 249 -20.89 17.51 -1.87
C CYS C 249 -20.40 18.87 -1.33
N LYS C 250 -19.15 18.89 -0.97
CA LYS C 250 -18.48 20.08 -0.44
C LYS C 250 -18.32 21.19 -1.43
N ARG C 251 -18.36 20.82 -2.70
CA ARG C 251 -18.23 21.83 -3.73
C ARG C 251 -19.60 22.34 -4.23
N CYS C 252 -20.59 21.46 -4.35
CA CYS C 252 -21.87 21.95 -4.93
C CYS C 252 -23.11 21.66 -4.12
N GLY C 253 -23.00 20.94 -3.02
CA GLY C 253 -24.20 20.66 -2.25
C GLY C 253 -25.04 19.44 -2.66
N THR C 254 -24.87 18.93 -3.89
CA THR C 254 -25.58 17.72 -4.34
C THR C 254 -25.17 16.51 -3.45
N PRO C 255 -26.13 15.66 -3.04
CA PRO C 255 -25.67 14.53 -2.21
C PRO C 255 -24.69 13.55 -2.93
N ILE C 256 -23.61 13.20 -2.22
CA ILE C 256 -22.64 12.23 -2.78
C ILE C 256 -23.32 10.86 -2.92
N GLU C 257 -23.03 10.15 -3.99
CA GLU C 257 -23.60 8.84 -4.20
C GLU C 257 -22.54 7.73 -4.08
N LYS C 258 -23.01 6.56 -3.66
CA LYS C 258 -22.18 5.39 -3.49
C LYS C 258 -22.75 4.22 -4.28
N THR C 259 -21.87 3.55 -5.01
CA THR C 259 -22.21 2.36 -5.79
C THR C 259 -20.97 1.49 -5.75
N VAL C 260 -21.01 0.42 -6.54
CA VAL C 260 -19.90 -0.51 -6.59
C VAL C 260 -19.37 -0.46 -8.00
N VAL C 261 -18.08 -0.14 -8.13
CA VAL C 261 -17.44 -0.11 -9.44
C VAL C 261 -16.16 -0.90 -9.17
N ALA C 262 -15.81 -1.81 -10.09
CA ALA C 262 -14.60 -2.65 -9.94
C ALA C 262 -14.64 -3.47 -8.65
N GLY C 263 -15.85 -3.85 -8.24
CA GLY C 263 -16.04 -4.64 -7.03
C GLY C 263 -15.75 -3.97 -5.70
N ARG C 264 -15.61 -2.64 -5.72
CA ARG C 264 -15.32 -1.85 -4.51
C ARG C 264 -16.28 -0.67 -4.25
N GLY C 265 -16.38 -0.26 -2.99
CA GLY C 265 -17.22 0.88 -2.58
C GLY C 265 -16.65 2.04 -3.38
N THR C 266 -17.54 2.78 -4.04
CA THR C 266 -17.14 3.89 -4.92
C THR C 266 -18.08 5.09 -4.68
N HIS C 267 -17.50 6.24 -4.41
CA HIS C 267 -18.20 7.46 -4.05
C HIS C 267 -17.95 8.54 -5.05
N TYR C 268 -18.99 9.32 -5.38
CA TYR C 268 -18.77 10.35 -6.40
C TYR C 268 -19.93 11.42 -6.35
N CYS C 269 -19.65 12.59 -6.88
CA CYS C 269 -20.67 13.62 -7.01
C CYS C 269 -21.26 13.49 -8.44
N PRO C 270 -22.53 13.11 -8.55
CA PRO C 270 -23.13 12.97 -9.91
C PRO C 270 -23.24 14.23 -10.68
N ARG C 271 -23.23 15.38 -10.03
CA ARG C 271 -23.31 16.59 -10.79
C ARG C 271 -21.97 17.02 -11.33
N CYS C 272 -20.92 16.91 -10.49
CA CYS C 272 -19.61 17.38 -10.88
C CYS C 272 -18.69 16.41 -11.62
N GLN C 273 -18.97 15.11 -11.56
CA GLN C 273 -18.11 14.19 -12.26
C GLN C 273 -18.83 13.74 -13.53
N ARG C 274 -18.15 13.74 -14.69
CA ARG C 274 -18.77 13.37 -15.99
C ARG C 274 -18.03 12.17 -16.71
#